data_5III
#
_entry.id   5III
#
_cell.length_a   55.848
_cell.length_b   62.681
_cell.length_c   140.024
_cell.angle_alpha   90.00
_cell.angle_beta   90.00
_cell.angle_gamma   90.00
#
_symmetry.space_group_name_H-M   'P 21 21 21'
#
loop_
_entity.id
_entity.type
_entity.pdbx_description
1 polymer 'DNA polymerase lambda'
2 polymer "DNA (5'-D(P*GP*CP*CP*G)-3')"
3 polymer "DNA (5'-D(*CP*AP*GP*TP*AP*(DOC))-3')"
4 polymer "DNA (5'-D(*CP*GP*GP*CP*(8OG)P*GP*TP*AP*CP*TP*G)-3')"
5 non-polymer "2'-DEOXYADENOSINE 5'-TRIPHOSPHATE"
6 non-polymer 'SODIUM ION'
7 non-polymer 'MAGNESIUM ION'
8 water water
#
loop_
_entity_poly.entity_id
_entity_poly.type
_entity_poly.pdbx_seq_one_letter_code
_entity_poly.pdbx_strand_id
1 'polypeptide(L)'
;AQPSSQKATNHNLHITEKLEVLAKAYSVQGDKWRALGYAKAINALKSFHKPVTSYQEACSIPGIGKRMAEKIIEILESGH
LRKLDHISESVPVLELFSNIWGAGTKTAQMWYQQGFRSLEDIRSQASLTTQQAIGLKHYSDFLERMPREEATEIEQTVQK
AAQAFNSGLLCVACGSYRRGKATCGDVDVLITHPDGRSHRGIFSRLLDSLRQEGFLTDDLVSQEENGQQQKYLGVCRLPG
PGRRHRRLDIIVVPYSEFACALLYFTGSAHFNRSMRALAKTKGMSLSEHALSTAVVRNTHGCKVGPGRVLPTPTEKDVFR
LLGLPYREPAERDW
;
A
2 'polydeoxyribonucleotide' (DG)(DC)(DC)(DG) D
3 'polydeoxyribonucleotide' (DC)(DA)(DG)(DT)(DA)(DOC) P
4 'polydeoxyribonucleotide' (DC)(DG)(DG)(DC)(8OG)(DG)(DT)(DA)(DC)(DT)(DG) T
#
loop_
_chem_comp.id
_chem_comp.type
_chem_comp.name
_chem_comp.formula
8OG DNA linking 8-OXO-2'-DEOXY-GUANOSINE-5'-MONOPHOSPHATE 'C10 H14 N5 O8 P'
DA DNA linking 2'-DEOXYADENOSINE-5'-MONOPHOSPHATE 'C10 H14 N5 O6 P'
DC DNA linking 2'-DEOXYCYTIDINE-5'-MONOPHOSPHATE 'C9 H14 N3 O7 P'
DG DNA linking 2'-DEOXYGUANOSINE-5'-MONOPHOSPHATE 'C10 H14 N5 O7 P'
DOC DNA linking 2',3'-DIDEOXYCYTIDINE-5'-MONOPHOSPHATE 'C9 H14 N3 O6 P'
DT DNA linking THYMIDINE-5'-MONOPHOSPHATE 'C10 H15 N2 O8 P'
DTP non-polymer '2'-DEOXYADENOSINE 5'-TRIPHOSPHATE' 'C10 H16 N5 O12 P3'
MG non-polymer 'MAGNESIUM ION' 'Mg 2'
NA non-polymer 'SODIUM ION' 'Na 1'
#
# COMPACT_ATOMS: atom_id res chain seq x y z
N HIS A 11 -12.09 -10.79 -15.71
CA HIS A 11 -11.49 -9.48 -15.98
C HIS A 11 -11.98 -8.93 -17.32
N ASN A 12 -13.27 -8.65 -17.42
CA ASN A 12 -13.90 -8.37 -18.71
C ASN A 12 -14.87 -7.20 -18.73
N LEU A 13 -14.36 -5.99 -18.52
CA LEU A 13 -15.18 -4.78 -18.71
C LEU A 13 -14.35 -3.59 -19.19
N HIS A 14 -15.01 -2.75 -19.98
CA HIS A 14 -14.39 -1.61 -20.64
C HIS A 14 -14.84 -0.32 -19.99
N ILE A 15 -15.98 -0.39 -19.29
CA ILE A 15 -16.54 0.76 -18.60
C ILE A 15 -15.62 1.22 -17.47
N THR A 16 -14.85 0.28 -16.92
CA THR A 16 -13.98 0.57 -15.80
C THR A 16 -12.84 1.50 -16.22
N GLU A 17 -12.45 1.42 -17.49
CA GLU A 17 -11.41 2.30 -18.03
C GLU A 17 -11.81 3.76 -17.88
N LYS A 18 -13.09 4.04 -18.12
CA LYS A 18 -13.59 5.40 -18.04
C LYS A 18 -13.77 5.83 -16.58
N LEU A 19 -14.31 4.93 -15.76
CA LEU A 19 -14.53 5.21 -14.35
C LEU A 19 -13.20 5.46 -13.63
N GLU A 20 -12.15 4.82 -14.12
CA GLU A 20 -10.82 4.93 -13.53
C GLU A 20 -10.29 6.36 -13.58
N VAL A 21 -10.60 7.05 -14.67
CA VAL A 21 -10.16 8.41 -14.88
C VAL A 21 -10.85 9.35 -13.90
N LEU A 22 -12.16 9.15 -13.72
CA LEU A 22 -12.93 9.93 -12.77
C LEU A 22 -12.48 9.66 -11.34
N ALA A 23 -12.24 8.39 -11.04
CA ALA A 23 -11.80 7.98 -9.71
C ALA A 23 -10.48 8.67 -9.34
N LYS A 24 -9.52 8.60 -10.25
CA LYS A 24 -8.22 9.24 -10.02
C LYS A 24 -8.37 10.75 -9.90
N ALA A 25 -9.25 11.34 -10.72
CA ALA A 25 -9.52 12.77 -10.64
C ALA A 25 -10.02 13.17 -9.26
N TYR A 26 -10.99 12.42 -8.73
CA TYR A 26 -11.50 12.72 -7.40
C TYR A 26 -10.42 12.54 -6.34
N SER A 27 -9.62 11.50 -6.49
CA SER A 27 -8.59 11.18 -5.50
C SER A 27 -7.52 12.28 -5.39
N VAL A 28 -6.97 12.72 -6.52
CA VAL A 28 -5.90 13.70 -6.42
C VAL A 28 -6.43 15.07 -5.99
N GLN A 29 -7.73 15.29 -6.16
CA GLN A 29 -8.35 16.53 -5.73
C GLN A 29 -8.79 16.51 -4.27
N GLY A 30 -8.66 15.34 -3.64
CA GLY A 30 -8.88 15.22 -2.21
C GLY A 30 -10.24 14.70 -1.80
N ASP A 31 -11.07 14.36 -2.79
CA ASP A 31 -12.41 13.84 -2.46
C ASP A 31 -12.27 12.35 -2.21
N LYS A 32 -11.73 12.00 -1.06
CA LYS A 32 -11.27 10.64 -0.86
C LYS A 32 -12.44 9.63 -0.71
N TRP A 33 -13.56 10.06 -0.16
CA TRP A 33 -14.64 9.11 0.04
C TRP A 33 -15.36 8.83 -1.26
N ARG A 34 -15.57 9.87 -2.06
CA ARG A 34 -16.14 9.66 -3.39
C ARG A 34 -15.23 8.75 -4.22
N ALA A 35 -13.92 8.95 -4.10
CA ALA A 35 -12.97 8.12 -4.84
C ALA A 35 -13.03 6.66 -4.37
N LEU A 36 -13.24 6.46 -3.08
CA LEU A 36 -13.38 5.12 -2.53
C LEU A 36 -14.62 4.42 -3.13
N GLY A 37 -15.71 5.16 -3.24
CA GLY A 37 -16.93 4.61 -3.84
C GLY A 37 -16.70 4.18 -5.27
N TYR A 38 -15.95 4.98 -6.02
CA TYR A 38 -15.60 4.62 -7.39
C TYR A 38 -14.72 3.38 -7.38
N ALA A 39 -13.80 3.30 -6.42
CA ALA A 39 -12.88 2.17 -6.35
C ALA A 39 -13.65 0.87 -6.12
N LYS A 40 -14.57 0.89 -5.17
CA LYS A 40 -15.38 -0.28 -4.85
C LYS A 40 -16.25 -0.69 -6.03
N ALA A 41 -16.80 0.30 -6.74
CA ALA A 41 -17.62 0.03 -7.91
C ALA A 41 -16.79 -0.55 -9.04
N ILE A 42 -15.61 0.02 -9.26
CA ILE A 42 -14.71 -0.46 -10.30
C ILE A 42 -14.36 -1.93 -10.05
N ASN A 43 -14.16 -2.28 -8.79
CA ASN A 43 -13.88 -3.66 -8.42
C ASN A 43 -15.09 -4.56 -8.68
N ALA A 44 -16.26 -4.09 -8.26
CA ALA A 44 -17.50 -4.81 -8.48
C ALA A 44 -17.72 -5.06 -9.97
N LEU A 45 -17.39 -4.07 -10.79
CA LEU A 45 -17.47 -4.22 -12.24
C LEU A 45 -16.43 -5.19 -12.77
N LYS A 46 -15.24 -5.19 -12.15
CA LYS A 46 -14.16 -6.05 -12.60
C LYS A 46 -14.43 -7.53 -12.28
N SER A 47 -15.26 -7.77 -11.27
CA SER A 47 -15.48 -9.13 -10.78
C SER A 47 -16.84 -9.69 -11.19
N PHE A 48 -17.46 -9.11 -12.19
CA PHE A 48 -18.75 -9.59 -12.68
C PHE A 48 -18.53 -10.49 -13.90
N HIS A 49 -19.38 -11.50 -14.05
CA HIS A 49 -19.21 -12.48 -15.14
C HIS A 49 -19.54 -11.89 -16.51
N LYS A 50 -20.82 -11.66 -16.77
CA LYS A 50 -21.28 -11.07 -18.03
C LYS A 50 -21.06 -9.57 -18.04
N PRO A 51 -20.70 -9.01 -19.21
CA PRO A 51 -20.64 -7.56 -19.33
C PRO A 51 -22.03 -6.96 -19.14
N VAL A 52 -22.19 -6.14 -18.11
CA VAL A 52 -23.49 -5.56 -17.75
C VAL A 52 -24.16 -4.85 -18.93
N THR A 53 -25.46 -5.06 -19.07
CA THR A 53 -26.21 -4.51 -20.20
C THR A 53 -27.48 -3.79 -19.75
N SER A 54 -27.77 -3.84 -18.46
CA SER A 54 -29.00 -3.22 -17.95
C SER A 54 -28.77 -2.38 -16.69
N TYR A 55 -29.46 -1.25 -16.63
CA TYR A 55 -29.46 -0.39 -15.44
C TYR A 55 -29.91 -1.20 -14.23
N GLN A 56 -30.91 -2.04 -14.44
CA GLN A 56 -31.39 -2.95 -13.40
C GLN A 56 -30.31 -3.95 -13.03
N GLU A 57 -29.68 -4.53 -14.05
CA GLU A 57 -28.60 -5.49 -13.87
C GLU A 57 -27.43 -4.86 -13.12
N ALA A 58 -27.13 -3.61 -13.46
CA ALA A 58 -26.05 -2.87 -12.82
C ALA A 58 -26.41 -2.51 -11.38
N CYS A 59 -27.60 -1.93 -11.21
CA CYS A 59 -28.03 -1.43 -9.91
C CYS A 59 -28.19 -2.55 -8.88
N SER A 60 -28.21 -3.79 -9.36
CA SER A 60 -28.36 -4.94 -8.47
C SER A 60 -27.03 -5.31 -7.81
N ILE A 61 -25.93 -5.03 -8.53
CA ILE A 61 -24.60 -5.35 -8.05
C ILE A 61 -24.25 -4.58 -6.78
N PRO A 62 -23.72 -5.29 -5.78
CA PRO A 62 -23.22 -4.63 -4.57
C PRO A 62 -22.03 -3.72 -4.89
N GLY A 63 -22.08 -2.48 -4.43
CA GLY A 63 -21.04 -1.52 -4.73
C GLY A 63 -21.43 -0.63 -5.91
N ILE A 64 -22.58 -0.93 -6.51
CA ILE A 64 -23.10 -0.11 -7.60
C ILE A 64 -24.49 0.42 -7.24
N GLY A 65 -24.65 1.73 -7.31
CA GLY A 65 -25.92 2.36 -6.98
C GLY A 65 -26.54 3.03 -8.19
N LYS A 66 -27.55 3.85 -7.95
CA LYS A 66 -28.28 4.55 -9.01
C LYS A 66 -27.34 5.37 -9.87
N ARG A 67 -26.50 6.18 -9.22
CA ARG A 67 -25.60 7.07 -9.94
C ARG A 67 -24.60 6.31 -10.79
N MET A 68 -24.00 5.27 -10.22
CA MET A 68 -23.01 4.49 -10.96
C MET A 68 -23.67 3.73 -12.11
N ALA A 69 -24.89 3.26 -11.87
CA ALA A 69 -25.64 2.55 -12.90
C ALA A 69 -25.88 3.46 -14.11
N GLU A 70 -26.30 4.69 -13.84
CA GLU A 70 -26.53 5.68 -14.88
C GLU A 70 -25.26 5.95 -15.69
N LYS A 71 -24.13 6.08 -15.00
CA LYS A 71 -22.85 6.24 -15.67
C LYS A 71 -22.63 5.07 -16.63
N ILE A 72 -22.89 3.86 -16.14
CA ILE A 72 -22.79 2.67 -16.96
C ILE A 72 -23.77 2.72 -18.14
N ILE A 73 -25.01 3.12 -17.86
CA ILE A 73 -26.04 3.16 -18.89
C ILE A 73 -25.76 4.21 -19.97
N GLU A 74 -24.81 5.10 -19.68
CA GLU A 74 -24.40 6.11 -20.65
C GLU A 74 -23.24 5.60 -21.49
N ILE A 75 -22.33 4.86 -20.87
CA ILE A 75 -21.18 4.34 -21.59
C ILE A 75 -21.61 3.25 -22.57
N LEU A 76 -22.67 2.53 -22.22
CA LEU A 76 -23.20 1.49 -23.10
C LEU A 76 -24.01 2.09 -24.25
N GLU A 77 -24.90 3.02 -23.92
CA GLU A 77 -25.82 3.58 -24.90
C GLU A 77 -25.30 4.87 -25.53
N SER A 78 -24.00 5.10 -25.47
CA SER A 78 -23.40 6.28 -26.11
C SER A 78 -21.91 6.09 -26.42
N GLY A 79 -21.27 5.15 -25.73
CA GLY A 79 -19.86 4.88 -25.94
C GLY A 79 -18.93 5.86 -25.24
N HIS A 80 -19.51 6.80 -24.48
CA HIS A 80 -18.70 7.80 -23.80
C HIS A 80 -19.33 8.25 -22.48
N LEU A 81 -18.50 8.85 -21.63
CA LEU A 81 -18.97 9.41 -20.38
C LEU A 81 -18.74 10.92 -20.40
N ARG A 82 -19.85 11.67 -20.38
CA ARG A 82 -19.80 13.12 -20.54
C ARG A 82 -18.94 13.82 -19.48
N LYS A 83 -18.89 13.25 -18.28
CA LYS A 83 -18.13 13.85 -17.18
C LYS A 83 -16.63 13.93 -17.48
N LEU A 84 -16.13 13.00 -18.30
CA LEU A 84 -14.72 12.96 -18.62
C LEU A 84 -14.24 14.21 -19.35
N ASP A 85 -15.17 14.96 -19.94
CA ASP A 85 -14.82 16.17 -20.67
C ASP A 85 -14.77 17.40 -19.78
N HIS A 86 -15.18 17.24 -18.52
CA HIS A 86 -15.22 18.35 -17.60
C HIS A 86 -14.39 18.10 -16.36
N ILE A 87 -13.39 17.24 -16.50
CA ILE A 87 -12.43 17.03 -15.43
C ILE A 87 -11.56 18.26 -15.32
N SER A 88 -11.34 18.73 -14.09
CA SER A 88 -10.55 19.94 -13.87
C SER A 88 -9.18 19.85 -14.50
N GLU A 89 -8.74 20.97 -15.07
CA GLU A 89 -7.45 21.02 -15.75
C GLU A 89 -6.30 20.79 -14.79
N SER A 90 -6.55 20.97 -13.50
CA SER A 90 -5.51 20.82 -12.47
C SER A 90 -5.07 19.36 -12.27
N VAL A 91 -5.89 18.42 -12.71
CA VAL A 91 -5.72 17.04 -12.29
C VAL A 91 -4.36 16.43 -12.69
N PRO A 92 -3.92 16.59 -13.96
CA PRO A 92 -2.62 15.97 -14.24
C PRO A 92 -1.47 16.56 -13.43
N VAL A 93 -1.52 17.85 -13.12
CA VAL A 93 -0.47 18.47 -12.32
C VAL A 93 -0.59 18.01 -10.85
N LEU A 94 -1.81 17.95 -10.36
CA LEU A 94 -2.03 17.42 -9.01
C LEU A 94 -1.51 15.98 -8.89
N GLU A 95 -1.69 15.17 -9.95
CA GLU A 95 -1.16 13.81 -9.95
C GLU A 95 0.37 13.81 -9.99
N LEU A 96 0.95 14.67 -10.81
CA LEU A 96 2.39 14.81 -10.87
C LEU A 96 2.97 15.11 -9.49
N PHE A 97 2.39 16.09 -8.81
CA PHE A 97 2.88 16.51 -7.50
C PHE A 97 2.66 15.46 -6.40
N SER A 98 1.48 14.85 -6.37
CA SER A 98 1.24 13.86 -5.30
C SER A 98 1.98 12.55 -5.53
N ASN A 99 2.58 12.37 -6.72
CA ASN A 99 3.47 11.20 -6.90
C ASN A 99 4.86 11.43 -6.33
N ILE A 100 5.11 12.60 -5.72
CA ILE A 100 6.30 12.80 -4.89
C ILE A 100 6.07 12.11 -3.55
N TRP A 101 6.96 11.20 -3.15
CA TRP A 101 6.80 10.55 -1.84
C TRP A 101 6.85 11.58 -0.72
N GLY A 102 5.82 11.60 0.13
CA GLY A 102 5.76 12.54 1.26
C GLY A 102 4.86 13.73 0.99
N ALA A 103 4.43 13.88 -0.26
CA ALA A 103 3.43 14.86 -0.63
C ALA A 103 2.13 14.17 -0.98
N GLY A 104 1.04 14.61 -0.37
CA GLY A 104 -0.28 14.09 -0.72
C GLY A 104 -1.14 15.20 -1.32
N THR A 105 -2.45 15.02 -1.27
CA THR A 105 -3.35 15.96 -1.95
C THR A 105 -3.33 17.38 -1.37
N LYS A 106 -3.18 17.53 -0.06
CA LYS A 106 -3.22 18.86 0.53
C LYS A 106 -2.03 19.66 0.03
N THR A 107 -0.87 19.03 0.01
CA THR A 107 0.34 19.73 -0.39
C THR A 107 0.31 19.99 -1.89
N ALA A 108 -0.14 18.99 -2.65
CA ALA A 108 -0.27 19.16 -4.09
C ALA A 108 -1.21 20.33 -4.43
N GLN A 109 -2.33 20.44 -3.73
CA GLN A 109 -3.27 21.52 -3.99
C GLN A 109 -2.68 22.88 -3.61
N MET A 110 -1.91 22.93 -2.52
CA MET A 110 -1.26 24.19 -2.14
C MET A 110 -0.26 24.62 -3.20
N TRP A 111 0.59 23.69 -3.62
CA TRP A 111 1.55 24.01 -4.68
C TRP A 111 0.86 24.51 -5.95
N TYR A 112 -0.25 23.89 -6.31
CA TYR A 112 -0.99 24.29 -7.50
C TYR A 112 -1.57 25.69 -7.34
N GLN A 113 -2.13 25.96 -6.16
CA GLN A 113 -2.66 27.28 -5.86
C GLN A 113 -1.54 28.33 -5.91
N GLN A 114 -0.33 27.94 -5.53
CA GLN A 114 0.81 28.86 -5.57
C GLN A 114 1.38 29.08 -6.97
N GLY A 115 0.78 28.43 -7.98
CA GLY A 115 1.18 28.62 -9.36
C GLY A 115 2.15 27.62 -9.94
N PHE A 116 2.51 26.59 -9.16
CA PHE A 116 3.50 25.62 -9.62
C PHE A 116 2.83 24.63 -10.57
N ARG A 117 3.55 24.24 -11.61
CA ARG A 117 2.95 23.40 -12.65
C ARG A 117 3.87 22.26 -13.10
N SER A 118 5.10 22.24 -12.62
CA SER A 118 6.07 21.24 -13.06
C SER A 118 7.00 20.88 -11.92
N LEU A 119 7.69 19.76 -12.04
CA LEU A 119 8.64 19.38 -11.02
C LEU A 119 9.82 20.37 -10.97
N GLU A 120 10.11 21.04 -12.07
CA GLU A 120 11.11 22.09 -12.06
C GLU A 120 10.67 23.26 -11.17
N ASP A 121 9.38 23.61 -11.23
CA ASP A 121 8.83 24.63 -10.32
C ASP A 121 8.99 24.19 -8.86
N ILE A 122 8.66 22.94 -8.58
CA ILE A 122 8.83 22.39 -7.25
C ILE A 122 10.29 22.44 -6.80
N ARG A 123 11.19 21.94 -7.63
CA ARG A 123 12.62 21.93 -7.29
C ARG A 123 13.14 23.33 -6.96
N SER A 124 12.73 24.31 -7.74
CA SER A 124 13.35 25.62 -7.66
C SER A 124 12.63 26.58 -6.71
N GLN A 125 11.33 26.39 -6.51
CA GLN A 125 10.52 27.37 -5.78
C GLN A 125 9.75 26.85 -4.57
N ALA A 126 9.50 25.54 -4.50
CA ALA A 126 8.69 25.03 -3.40
C ALA A 126 9.47 24.83 -2.12
N SER A 127 8.78 24.94 -0.99
CA SER A 127 9.35 24.52 0.28
C SER A 127 9.11 23.02 0.41
N LEU A 128 10.18 22.25 0.56
CA LEU A 128 10.01 20.79 0.64
C LEU A 128 10.38 20.28 2.02
N THR A 129 9.60 19.33 2.52
CA THR A 129 9.99 18.61 3.73
C THR A 129 11.18 17.75 3.38
N THR A 130 11.89 17.31 4.40
CA THR A 130 13.02 16.41 4.19
C THR A 130 12.62 15.17 3.39
N GLN A 131 11.50 14.57 3.76
CA GLN A 131 10.95 13.43 3.01
C GLN A 131 10.71 13.76 1.53
N GLN A 132 10.04 14.88 1.29
CA GLN A 132 9.68 15.28 -0.06
C GLN A 132 10.90 15.56 -0.94
N ALA A 133 11.95 16.12 -0.36
CA ALA A 133 13.19 16.32 -1.13
C ALA A 133 13.79 14.99 -1.58
N ILE A 134 13.64 13.96 -0.73
CA ILE A 134 14.14 12.62 -1.07
C ILE A 134 13.24 11.99 -2.13
N GLY A 135 11.92 12.15 -1.96
CA GLY A 135 10.95 11.70 -2.95
C GLY A 135 11.20 12.32 -4.32
N LEU A 136 11.49 13.62 -4.34
CA LEU A 136 11.69 14.31 -5.61
C LEU A 136 12.96 13.83 -6.29
N LYS A 137 14.04 13.67 -5.54
CA LYS A 137 15.29 13.27 -6.16
C LYS A 137 15.25 11.82 -6.65
N HIS A 138 14.30 11.04 -6.15
CA HIS A 138 14.10 9.69 -6.69
C HIS A 138 12.77 9.56 -7.41
N TYR A 139 12.30 10.64 -8.01
CA TYR A 139 10.94 10.65 -8.55
C TYR A 139 10.66 9.49 -9.54
N SER A 140 11.49 9.35 -10.58
CA SER A 140 11.28 8.25 -11.53
C SER A 140 11.45 6.88 -10.88
N ASP A 141 12.51 6.70 -10.09
CA ASP A 141 12.82 5.40 -9.51
C ASP A 141 11.66 4.89 -8.64
N PHE A 142 11.05 5.79 -7.87
CA PHE A 142 9.99 5.37 -6.96
C PHE A 142 8.68 5.07 -7.72
N LEU A 143 8.61 5.45 -8.99
CA LEU A 143 7.43 5.11 -9.77
C LEU A 143 7.61 3.80 -10.54
N GLU A 144 8.82 3.26 -10.50
CA GLU A 144 9.13 1.97 -11.14
C GLU A 144 8.71 0.82 -10.25
N ARG A 145 8.46 -0.33 -10.86
CA ARG A 145 8.36 -1.57 -10.12
C ARG A 145 9.62 -2.37 -10.45
N MET A 146 10.12 -3.14 -9.50
CA MET A 146 11.31 -3.94 -9.73
C MET A 146 10.92 -5.38 -10.04
N PRO A 147 11.83 -6.13 -10.70
CA PRO A 147 11.55 -7.56 -10.88
C PRO A 147 11.55 -8.27 -9.54
N ARG A 148 10.67 -9.25 -9.39
CA ARG A 148 10.63 -10.11 -8.22
C ARG A 148 12.03 -10.53 -7.75
N GLU A 149 12.90 -10.88 -8.70
CA GLU A 149 14.24 -11.33 -8.37
C GLU A 149 15.04 -10.27 -7.62
N GLU A 150 14.81 -9.00 -7.94
CA GLU A 150 15.52 -7.93 -7.26
C GLU A 150 15.02 -7.79 -5.83
N ALA A 151 13.71 -7.93 -5.63
CA ALA A 151 13.16 -7.88 -4.28
C ALA A 151 13.73 -9.00 -3.41
N THR A 152 13.93 -10.18 -4.00
CA THR A 152 14.63 -11.26 -3.31
C THR A 152 16.02 -10.86 -2.83
N GLU A 153 16.82 -10.24 -3.71
CA GLU A 153 18.16 -9.80 -3.33
C GLU A 153 18.14 -8.82 -2.16
N ILE A 154 17.14 -7.94 -2.18
CA ILE A 154 17.04 -6.90 -1.16
C ILE A 154 16.62 -7.52 0.18
N GLU A 155 15.66 -8.43 0.14
CA GLU A 155 15.23 -9.09 1.36
C GLU A 155 16.40 -9.90 1.96
N GLN A 156 17.14 -10.58 1.09
CA GLN A 156 18.30 -11.34 1.52
C GLN A 156 19.39 -10.46 2.12
N THR A 157 19.51 -9.24 1.61
CA THR A 157 20.49 -8.31 2.14
C THR A 157 20.12 -7.96 3.56
N VAL A 158 18.83 -7.74 3.79
CA VAL A 158 18.32 -7.36 5.09
C VAL A 158 18.43 -8.53 6.06
N GLN A 159 18.05 -9.71 5.59
CA GLN A 159 18.11 -10.91 6.42
C GLN A 159 19.54 -11.22 6.87
N LYS A 160 20.50 -11.13 5.95
CA LYS A 160 21.90 -11.40 6.30
C LYS A 160 22.41 -10.44 7.37
N ALA A 161 22.08 -9.17 7.23
CA ALA A 161 22.51 -8.17 8.20
C ALA A 161 21.87 -8.43 9.57
N ALA A 162 20.61 -8.87 9.55
CA ALA A 162 19.88 -9.15 10.78
C ALA A 162 20.41 -10.41 11.45
N GLN A 163 20.53 -11.48 10.68
CA GLN A 163 20.89 -12.77 11.25
C GLN A 163 22.36 -12.81 11.68
N ALA A 164 23.15 -11.87 11.18
CA ALA A 164 24.54 -11.74 11.62
C ALA A 164 24.58 -11.28 13.07
N PHE A 165 23.56 -10.52 13.47
CA PHE A 165 23.49 -9.95 14.82
C PHE A 165 22.80 -10.94 15.77
N ASN A 166 21.80 -11.64 15.25
CA ASN A 166 21.07 -12.66 15.99
C ASN A 166 20.50 -13.66 15.01
N SER A 167 21.14 -14.83 14.91
CA SER A 167 20.80 -15.79 13.87
C SER A 167 19.41 -16.37 14.04
N GLY A 168 18.77 -16.10 15.17
CA GLY A 168 17.43 -16.59 15.43
C GLY A 168 16.34 -15.69 14.86
N LEU A 169 16.75 -14.53 14.35
CA LEU A 169 15.76 -13.59 13.80
C LEU A 169 15.11 -14.15 12.54
N LEU A 170 13.80 -14.03 12.48
CA LEU A 170 13.01 -14.48 11.35
C LEU A 170 12.70 -13.29 10.44
N CYS A 171 13.11 -13.38 9.17
CA CYS A 171 12.91 -12.29 8.23
C CYS A 171 12.09 -12.77 7.05
N VAL A 172 10.99 -12.08 6.77
CA VAL A 172 10.06 -12.50 5.71
C VAL A 172 9.67 -11.34 4.82
N ALA A 173 9.88 -11.47 3.51
CA ALA A 173 9.39 -10.46 2.59
C ALA A 173 7.90 -10.61 2.42
N CYS A 174 7.17 -9.53 2.67
CA CYS A 174 5.72 -9.54 2.60
C CYS A 174 5.24 -8.74 1.41
N GLY A 175 4.17 -7.96 1.59
CA GLY A 175 3.54 -7.23 0.50
C GLY A 175 3.32 -8.01 -0.79
N SER A 176 3.47 -7.30 -1.90
CA SER A 176 3.29 -7.87 -3.23
C SER A 176 4.23 -9.05 -3.51
N TYR A 177 5.38 -9.06 -2.85
CA TYR A 177 6.32 -10.17 -3.02
C TYR A 177 5.74 -11.49 -2.50
N ARG A 178 5.20 -11.46 -1.28
CA ARG A 178 4.63 -12.67 -0.71
C ARG A 178 3.35 -13.08 -1.44
N ARG A 179 2.66 -12.11 -2.03
CA ARG A 179 1.47 -12.42 -2.81
C ARG A 179 1.84 -12.97 -4.21
N GLY A 180 3.13 -13.18 -4.45
CA GLY A 180 3.60 -13.80 -5.68
C GLY A 180 3.64 -12.95 -6.94
N LYS A 181 3.61 -11.63 -6.80
CA LYS A 181 3.58 -10.76 -7.99
C LYS A 181 4.92 -10.84 -8.74
N ALA A 182 4.86 -10.64 -10.06
CA ALA A 182 6.05 -10.74 -10.87
C ALA A 182 6.94 -9.52 -10.68
N THR A 183 6.31 -8.41 -10.32
CA THR A 183 7.05 -7.19 -10.02
C THR A 183 6.57 -6.59 -8.71
N CYS A 184 7.42 -5.76 -8.11
CA CYS A 184 7.20 -5.20 -6.79
C CYS A 184 7.49 -3.71 -6.78
N GLY A 185 6.56 -2.91 -6.24
CA GLY A 185 6.77 -1.46 -6.14
C GLY A 185 7.88 -1.11 -5.17
N ASP A 186 8.03 -1.95 -4.16
CA ASP A 186 9.08 -1.82 -3.16
C ASP A 186 9.31 -3.18 -2.50
N VAL A 187 10.10 -3.21 -1.43
CA VAL A 187 10.27 -4.44 -0.68
C VAL A 187 9.80 -4.20 0.76
N ASP A 188 8.97 -5.12 1.25
CA ASP A 188 8.37 -5.05 2.58
C ASP A 188 8.86 -6.23 3.43
N VAL A 189 9.72 -5.95 4.39
CA VAL A 189 10.34 -7.03 5.17
C VAL A 189 9.80 -7.04 6.60
N LEU A 190 9.24 -8.16 7.02
CA LEU A 190 8.83 -8.35 8.41
C LEU A 190 9.95 -9.05 9.18
N ILE A 191 10.23 -8.59 10.39
CA ILE A 191 11.22 -9.24 11.23
C ILE A 191 10.65 -9.52 12.62
N THR A 192 10.82 -10.75 13.08
CA THR A 192 10.43 -11.11 14.45
C THR A 192 11.40 -12.14 15.02
N HIS A 193 11.20 -12.55 16.27
CA HIS A 193 12.01 -13.61 16.87
C HIS A 193 11.14 -14.53 17.70
N PRO A 194 11.22 -15.84 17.43
CA PRO A 194 10.41 -16.87 18.11
C PRO A 194 10.59 -16.92 19.63
N ASP A 195 11.68 -16.39 20.19
CA ASP A 195 11.83 -16.42 21.64
C ASP A 195 10.92 -15.40 22.31
N GLY A 196 10.34 -14.51 21.51
CA GLY A 196 9.36 -13.57 22.01
C GLY A 196 9.94 -12.34 22.66
N ARG A 197 11.26 -12.17 22.59
CA ARG A 197 11.91 -11.07 23.30
C ARG A 197 13.05 -10.40 22.52
N SER A 198 13.78 -11.17 21.73
CA SER A 198 15.01 -10.67 21.11
C SER A 198 14.77 -9.75 19.91
N HIS A 199 13.50 -9.45 19.64
CA HIS A 199 13.15 -8.45 18.64
C HIS A 199 13.35 -7.05 19.19
N ARG A 200 13.38 -6.93 20.51
CA ARG A 200 13.36 -5.63 21.17
C ARG A 200 14.58 -4.79 20.85
N GLY A 201 14.34 -3.55 20.44
CA GLY A 201 15.37 -2.55 20.27
C GLY A 201 16.42 -2.77 19.20
N ILE A 202 16.19 -3.71 18.30
CA ILE A 202 17.20 -4.09 17.31
C ILE A 202 17.35 -3.13 16.13
N PHE A 203 16.41 -2.22 15.93
CA PHE A 203 16.45 -1.34 14.76
C PHE A 203 17.79 -0.60 14.65
N SER A 204 18.24 0.00 15.75
CA SER A 204 19.50 0.74 15.73
C SER A 204 20.62 -0.16 15.23
N ARG A 205 20.66 -1.38 15.75
CA ARG A 205 21.69 -2.34 15.34
C ARG A 205 21.59 -2.70 13.85
N LEU A 206 20.39 -3.07 13.42
CA LEU A 206 20.18 -3.49 12.04
C LEU A 206 20.44 -2.36 11.03
N LEU A 207 19.89 -1.18 11.31
CA LEU A 207 20.02 -0.06 10.40
C LEU A 207 21.47 0.38 10.30
N ASP A 208 22.18 0.38 11.42
CA ASP A 208 23.59 0.74 11.42
C ASP A 208 24.38 -0.22 10.56
N SER A 209 24.04 -1.50 10.63
CA SER A 209 24.73 -2.51 9.84
C SER A 209 24.51 -2.28 8.35
N LEU A 210 23.27 -2.03 7.96
CA LEU A 210 22.94 -1.80 6.56
C LEU A 210 23.52 -0.48 6.07
N ARG A 211 23.79 0.43 6.99
CA ARG A 211 24.46 1.68 6.65
C ARG A 211 25.96 1.49 6.40
N GLN A 212 26.57 0.60 7.17
CA GLN A 212 28.02 0.42 7.13
C GLN A 212 28.48 0.03 5.74
N GLU A 213 27.67 -0.77 5.05
CA GLU A 213 28.04 -1.24 3.74
C GLU A 213 27.39 -0.42 2.62
N GLY A 214 26.81 0.72 3.00
CA GLY A 214 26.31 1.67 2.02
C GLY A 214 24.98 1.32 1.38
N PHE A 215 24.32 0.27 1.88
CA PHE A 215 23.09 -0.25 1.28
C PHE A 215 21.91 0.71 1.44
N LEU A 216 21.71 1.25 2.64
CA LEU A 216 20.70 2.27 2.84
C LEU A 216 21.24 3.60 2.34
N THR A 217 20.46 4.31 1.52
CA THR A 217 20.90 5.59 1.00
C THR A 217 20.17 6.81 1.57
N ASP A 218 18.95 6.62 2.07
CA ASP A 218 18.22 7.69 2.75
C ASP A 218 17.14 7.12 3.65
N ASP A 219 16.75 7.88 4.68
CA ASP A 219 15.69 7.46 5.59
C ASP A 219 14.48 8.37 5.43
N LEU A 220 13.30 7.78 5.38
CA LEU A 220 12.09 8.57 5.26
C LEU A 220 11.36 8.66 6.59
N VAL A 221 11.17 7.50 7.21
CA VAL A 221 10.48 7.39 8.49
C VAL A 221 11.26 6.41 9.35
N SER A 222 11.78 6.89 10.47
CA SER A 222 12.65 6.07 11.28
C SER A 222 12.88 6.72 12.63
N GLN A 223 12.03 6.39 13.59
CA GLN A 223 12.10 7.02 14.91
C GLN A 223 13.12 6.28 15.76
N GLU A 224 14.39 6.56 15.56
CA GLU A 224 15.44 5.74 16.16
C GLU A 224 15.74 6.15 17.60
N GLU A 225 15.15 7.26 18.05
CA GLU A 225 15.28 7.69 19.43
C GLU A 225 14.28 6.92 20.29
N ASN A 226 13.37 6.21 19.62
CA ASN A 226 12.38 5.40 20.30
C ASN A 226 12.80 3.93 20.30
N GLY A 227 12.95 3.38 21.51
CA GLY A 227 13.28 1.98 21.66
C GLY A 227 12.12 1.10 21.26
N GLN A 228 10.94 1.71 21.11
CA GLN A 228 9.75 0.98 20.69
C GLN A 228 9.40 1.26 19.22
N GLN A 229 10.37 1.80 18.47
CA GLN A 229 10.21 1.99 17.02
C GLN A 229 9.64 0.74 16.36
N GLN A 230 8.58 0.90 15.58
CA GLN A 230 7.92 -0.23 14.95
C GLN A 230 8.31 -0.41 13.48
N LYS A 231 8.55 0.69 12.78
CA LYS A 231 8.83 0.60 11.34
C LYS A 231 10.00 1.46 10.90
N TYR A 232 10.62 1.02 9.80
CA TYR A 232 11.57 1.82 9.05
C TYR A 232 11.07 1.91 7.61
N LEU A 233 10.92 3.15 7.11
CA LEU A 233 10.66 3.36 5.69
C LEU A 233 11.82 4.15 5.14
N GLY A 234 12.51 3.59 4.13
CA GLY A 234 13.68 4.25 3.62
C GLY A 234 14.00 3.88 2.18
N VAL A 235 15.24 4.11 1.81
CA VAL A 235 15.70 3.93 0.43
C VAL A 235 16.96 3.11 0.41
N CYS A 236 17.05 2.16 -0.50
CA CYS A 236 18.25 1.36 -0.64
C CYS A 236 18.66 1.26 -2.10
N ARG A 237 19.87 0.76 -2.32
CA ARG A 237 20.30 0.44 -3.68
C ARG A 237 21.33 -0.66 -3.62
N LEU A 238 21.09 -1.74 -4.36
CA LEU A 238 22.03 -2.84 -4.43
C LEU A 238 23.34 -2.39 -5.05
N PRO A 239 24.44 -3.09 -4.74
CA PRO A 239 25.73 -2.67 -5.30
C PRO A 239 25.87 -3.03 -6.78
N GLY A 240 26.75 -2.34 -7.48
CA GLY A 240 27.07 -2.67 -8.87
C GLY A 240 26.41 -1.78 -9.90
N PRO A 241 26.71 -2.02 -11.19
CA PRO A 241 26.10 -1.22 -12.24
C PRO A 241 24.66 -1.66 -12.50
N GLY A 242 23.88 -0.80 -13.16
CA GLY A 242 22.53 -1.15 -13.57
C GLY A 242 21.53 -1.19 -12.42
N ARG A 243 21.86 -0.52 -11.33
CA ARG A 243 20.98 -0.53 -10.17
C ARG A 243 20.25 0.79 -9.95
N ARG A 244 18.97 0.69 -9.59
CA ARG A 244 18.15 1.85 -9.28
C ARG A 244 17.95 1.93 -7.78
N HIS A 245 17.59 3.11 -7.29
CA HIS A 245 17.18 3.23 -5.89
C HIS A 245 15.81 2.62 -5.71
N ARG A 246 15.63 1.87 -4.62
CA ARG A 246 14.38 1.17 -4.34
C ARG A 246 13.89 1.53 -2.94
N ARG A 247 12.58 1.60 -2.80
CA ARG A 247 11.94 1.82 -1.50
C ARG A 247 11.96 0.51 -0.70
N LEU A 248 12.29 0.63 0.58
CA LEU A 248 12.41 -0.50 1.48
C LEU A 248 11.68 -0.20 2.78
N ASP A 249 10.75 -1.06 3.16
CA ASP A 249 10.00 -0.90 4.39
C ASP A 249 10.31 -2.08 5.29
N ILE A 250 10.67 -1.81 6.55
CA ILE A 250 10.94 -2.89 7.50
C ILE A 250 10.05 -2.69 8.72
N ILE A 251 9.41 -3.77 9.16
CA ILE A 251 8.74 -3.72 10.47
C ILE A 251 9.33 -4.79 11.38
N VAL A 252 9.47 -4.43 12.66
CA VAL A 252 9.97 -5.36 13.67
C VAL A 252 8.84 -5.58 14.67
N VAL A 253 8.42 -6.82 14.84
CA VAL A 253 7.23 -7.09 15.66
C VAL A 253 7.47 -8.20 16.69
N PRO A 254 6.74 -8.15 17.82
CA PRO A 254 6.83 -9.24 18.81
C PRO A 254 6.23 -10.51 18.23
N TYR A 255 6.84 -11.66 18.55
CA TYR A 255 6.37 -12.94 18.05
C TYR A 255 4.89 -13.19 18.35
N SER A 256 4.40 -12.66 19.47
CA SER A 256 3.00 -12.85 19.81
C SER A 256 2.09 -12.14 18.82
N GLU A 257 2.63 -11.23 18.04
CA GLU A 257 1.82 -10.52 17.06
C GLU A 257 2.14 -10.94 15.63
N PHE A 258 2.96 -11.98 15.48
CA PHE A 258 3.46 -12.43 14.16
C PHE A 258 2.35 -12.63 13.14
N ALA A 259 1.35 -13.45 13.46
CA ALA A 259 0.32 -13.76 12.48
C ALA A 259 -0.45 -12.52 12.02
N CYS A 260 -0.81 -11.65 12.96
CA CYS A 260 -1.52 -10.43 12.60
C CYS A 260 -0.61 -9.46 11.84
N ALA A 261 0.67 -9.43 12.19
CA ALA A 261 1.60 -8.52 11.51
C ALA A 261 1.89 -9.02 10.09
N LEU A 262 2.03 -10.34 9.97
CA LEU A 262 2.25 -10.98 8.69
C LEU A 262 1.07 -10.76 7.76
N LEU A 263 -0.14 -10.99 8.27
CA LEU A 263 -1.36 -10.78 7.51
C LEU A 263 -1.47 -9.34 7.01
N TYR A 264 -1.30 -8.41 7.93
CA TYR A 264 -1.31 -6.98 7.62
C TYR A 264 -0.32 -6.63 6.51
N PHE A 265 0.94 -7.04 6.69
CA PHE A 265 2.01 -6.58 5.82
C PHE A 265 1.97 -7.29 4.47
N THR A 266 1.29 -8.44 4.41
CA THR A 266 1.14 -9.17 3.16
C THR A 266 0.03 -8.54 2.31
N GLY A 267 -0.98 -8.00 2.98
CA GLY A 267 -2.07 -7.32 2.31
C GLY A 267 -2.86 -8.23 1.36
N SER A 268 -3.36 -7.71 0.24
CA SER A 268 -3.21 -6.31 -0.20
C SER A 268 -3.89 -5.29 0.74
N ALA A 269 -3.70 -3.99 0.47
CA ALA A 269 -4.35 -2.96 1.27
C ALA A 269 -5.87 -3.12 1.24
N HIS A 270 -6.41 -3.31 0.03
CA HIS A 270 -7.85 -3.51 -0.13
C HIS A 270 -8.30 -4.75 0.63
N PHE A 271 -7.52 -5.82 0.55
CA PHE A 271 -7.82 -7.04 1.29
C PHE A 271 -7.87 -6.76 2.79
N ASN A 272 -6.88 -6.03 3.31
CA ASN A 272 -6.88 -5.68 4.73
C ASN A 272 -8.13 -4.89 5.14
N ARG A 273 -8.53 -3.93 4.30
CA ARG A 273 -9.70 -3.12 4.62
C ARG A 273 -10.96 -3.99 4.68
N SER A 274 -11.10 -4.89 3.71
CA SER A 274 -12.25 -5.81 3.65
C SER A 274 -12.33 -6.69 4.89
N MET A 275 -11.19 -7.26 5.25
CA MET A 275 -11.08 -8.14 6.41
C MET A 275 -11.40 -7.43 7.72
N ARG A 276 -10.86 -6.22 7.88
CA ARG A 276 -11.11 -5.44 9.09
C ARG A 276 -12.58 -5.00 9.16
N ALA A 277 -13.14 -4.65 8.01
CA ALA A 277 -14.56 -4.29 7.95
C ALA A 277 -15.42 -5.47 8.41
N LEU A 278 -15.06 -6.67 7.95
CA LEU A 278 -15.81 -7.87 8.30
C LEU A 278 -15.69 -8.15 9.81
N ALA A 279 -14.49 -7.95 10.35
CA ALA A 279 -14.29 -8.13 11.78
C ALA A 279 -15.18 -7.19 12.58
N LYS A 280 -15.36 -5.98 12.07
CA LYS A 280 -16.14 -4.96 12.79
C LYS A 280 -17.62 -5.31 12.80
N THR A 281 -18.11 -5.94 11.74
CA THR A 281 -19.51 -6.36 11.69
C THR A 281 -19.78 -7.42 12.75
N LYS A 282 -18.77 -8.22 13.05
CA LYS A 282 -18.90 -9.27 14.04
C LYS A 282 -18.49 -8.83 15.45
N GLY A 283 -18.50 -7.52 15.67
CA GLY A 283 -18.10 -6.96 16.96
C GLY A 283 -16.69 -7.34 17.35
N MET A 284 -15.84 -7.53 16.35
CA MET A 284 -14.41 -7.78 16.56
C MET A 284 -13.61 -6.63 15.98
N SER A 285 -12.31 -6.63 16.21
CA SER A 285 -11.44 -5.61 15.63
C SER A 285 -10.12 -6.22 15.23
N LEU A 286 -9.71 -6.00 13.98
CA LEU A 286 -8.48 -6.59 13.49
C LEU A 286 -7.48 -5.51 13.14
N SER A 287 -6.26 -5.67 13.63
CA SER A 287 -5.17 -4.73 13.36
C SER A 287 -3.88 -5.49 13.17
N GLU A 288 -2.80 -4.78 12.85
CA GLU A 288 -1.50 -5.39 12.70
C GLU A 288 -0.95 -5.94 14.01
N HIS A 289 -1.58 -5.57 15.13
CA HIS A 289 -1.18 -6.06 16.43
C HIS A 289 -1.96 -7.30 16.87
N ALA A 290 -3.26 -7.30 16.60
CA ALA A 290 -4.11 -8.35 17.17
C ALA A 290 -5.51 -8.42 16.58
N LEU A 291 -6.11 -9.60 16.70
CA LEU A 291 -7.54 -9.77 16.51
C LEU A 291 -8.20 -9.71 17.90
N SER A 292 -9.17 -8.81 18.04
CA SER A 292 -9.78 -8.55 19.35
C SER A 292 -11.31 -8.59 19.26
N THR A 293 -11.97 -8.44 20.40
CA THR A 293 -13.42 -8.28 20.45
C THR A 293 -13.85 -6.78 20.50
N ALA A 294 -15.09 -6.54 20.94
CA ALA A 294 -15.75 -5.23 20.78
C ALA A 294 -15.13 -4.08 21.59
N VAL A 295 -15.82 -2.94 21.55
CA VAL A 295 -15.29 -1.67 22.09
C VAL A 295 -14.76 -1.78 23.51
N PRO A 306 -11.89 -1.75 26.29
CA PRO A 306 -10.76 -1.97 25.39
C PRO A 306 -10.98 -3.14 24.42
N GLY A 307 -11.36 -4.29 24.96
CA GLY A 307 -11.56 -5.49 24.15
C GLY A 307 -10.68 -6.63 24.63
N ARG A 308 -10.98 -7.83 24.16
CA ARG A 308 -10.19 -9.00 24.54
C ARG A 308 -9.34 -9.45 23.33
N VAL A 309 -8.02 -9.58 23.49
CA VAL A 309 -7.19 -10.12 22.41
C VAL A 309 -7.44 -11.63 22.25
N LEU A 310 -7.66 -12.07 21.01
CA LEU A 310 -7.84 -13.50 20.73
C LEU A 310 -6.51 -14.15 20.30
N PRO A 311 -6.33 -15.44 20.64
CA PRO A 311 -5.11 -16.16 20.30
C PRO A 311 -5.02 -16.43 18.79
N THR A 312 -4.00 -15.89 18.14
CA THR A 312 -3.82 -16.12 16.70
C THR A 312 -2.39 -16.51 16.36
N PRO A 313 -1.97 -17.73 16.72
CA PRO A 313 -0.60 -18.16 16.44
C PRO A 313 -0.24 -18.19 14.95
N THR A 314 -1.23 -18.38 14.07
CA THR A 314 -0.99 -18.41 12.62
C THR A 314 -2.07 -17.62 11.88
N GLU A 315 -1.79 -17.25 10.64
CA GLU A 315 -2.76 -16.53 9.82
C GLU A 315 -4.07 -17.31 9.70
N LYS A 316 -3.97 -18.62 9.59
CA LYS A 316 -5.16 -19.44 9.43
C LYS A 316 -6.13 -19.24 10.61
N ASP A 317 -5.57 -19.00 11.78
CA ASP A 317 -6.39 -18.75 12.97
C ASP A 317 -7.20 -17.47 12.86
N VAL A 318 -6.63 -16.44 12.24
CA VAL A 318 -7.40 -15.21 12.01
C VAL A 318 -8.60 -15.47 11.10
N PHE A 319 -8.39 -16.18 10.00
CA PHE A 319 -9.49 -16.49 9.09
C PHE A 319 -10.56 -17.27 9.86
N ARG A 320 -10.09 -18.23 10.65
CA ARG A 320 -11.00 -19.15 11.35
C ARG A 320 -11.90 -18.41 12.33
N LEU A 321 -11.30 -17.54 13.14
CA LEU A 321 -12.04 -16.78 14.13
C LEU A 321 -13.02 -15.79 13.48
N LEU A 322 -12.74 -15.41 12.24
CA LEU A 322 -13.65 -14.56 11.47
C LEU A 322 -14.68 -15.37 10.67
N GLY A 323 -14.59 -16.69 10.76
CA GLY A 323 -15.53 -17.56 10.06
C GLY A 323 -15.28 -17.62 8.56
N LEU A 324 -14.01 -17.51 8.19
CA LEU A 324 -13.61 -17.49 6.79
C LEU A 324 -12.71 -18.66 6.45
N PRO A 325 -12.78 -19.14 5.19
CA PRO A 325 -11.79 -20.07 4.67
C PRO A 325 -10.44 -19.39 4.54
N TYR A 326 -9.36 -20.11 4.80
CA TYR A 326 -8.03 -19.56 4.62
C TYR A 326 -7.77 -19.23 3.16
N ARG A 327 -7.23 -18.05 2.91
CA ARG A 327 -6.77 -17.67 1.59
C ARG A 327 -5.25 -17.61 1.56
N GLU A 328 -4.66 -18.27 0.57
CA GLU A 328 -3.23 -18.17 0.33
C GLU A 328 -2.92 -16.73 -0.05
N PRO A 329 -1.70 -16.26 0.24
CA PRO A 329 -1.31 -14.88 -0.09
C PRO A 329 -1.65 -14.50 -1.52
N ALA A 330 -1.36 -15.38 -2.50
CA ALA A 330 -1.67 -15.06 -3.90
C ALA A 330 -3.16 -14.80 -4.13
N GLU A 331 -3.99 -15.34 -3.26
CA GLU A 331 -5.42 -15.13 -3.42
C GLU A 331 -5.93 -13.94 -2.60
N ARG A 332 -4.99 -13.12 -2.12
CA ARG A 332 -5.34 -11.91 -1.38
C ARG A 332 -4.94 -10.66 -2.17
N ASP A 333 -4.61 -10.88 -3.45
CA ASP A 333 -4.12 -9.83 -4.32
C ASP A 333 -5.28 -9.02 -4.88
N TRP A 334 -6.07 -8.45 -3.97
CA TRP A 334 -7.26 -7.70 -4.33
C TRP A 334 -6.91 -6.25 -4.66
N1 DOC C 6 0.75 2.08 5.44
C2 DOC C 6 -0.34 1.86 6.40
N3 DOC C 6 -1.60 2.56 6.24
C4 DOC C 6 -1.81 3.46 5.16
C5 DOC C 6 -0.73 3.68 4.20
C6 DOC C 6 0.54 2.98 4.35
O2 DOC C 6 -0.17 1.09 7.32
N4 DOC C 6 -3.04 4.12 5.04
C1' DOC C 6 1.89 1.46 5.63
C2' DOC C 6 2.12 0.22 4.76
C3' DOC C 6 2.93 0.61 3.80
C4' DOC C 6 3.83 1.79 4.46
O4' DOC C 6 3.03 2.43 5.26
C5' DOC C 6 4.44 2.73 3.42
O5' DOC C 6 3.46 3.23 2.51
P DOC C 6 3.86 4.37 1.48
OP1 DOC C 6 5.14 4.07 0.77
OP2 DOC C 6 2.68 4.63 0.57
P 8OG D 5 -14.79 -0.05 5.95
OP1 8OG D 5 -14.35 -0.91 4.80
OP2 8OG D 5 -16.15 -0.49 6.46
O5' 8OG D 5 -13.75 -0.06 7.14
C5' 8OG D 5 -12.36 -0.21 6.90
C4' 8OG D 5 -11.68 -0.83 8.10
O4' 8OG D 5 -10.09 -1.00 7.84
C3' 8OG D 5 -11.78 -0.13 9.19
O3' 8OG D 5 -11.72 -1.09 10.32
C2' 8OG D 5 -10.50 0.76 9.25
C1' 8OG D 5 -9.44 -0.13 8.59
N9 8OG D 5 -8.57 0.49 7.63
C8 8OG D 5 -7.22 0.00 7.31
N7 8OG D 5 -6.70 0.85 6.21
C5 8OG D 5 -7.72 1.77 5.92
C6 8OG D 5 -7.74 2.84 4.90
O6 8OG D 5 -6.76 3.02 4.19
N1 8OG D 5 -8.90 3.66 4.77
C2 8OG D 5 -10.04 3.43 5.62
N2 8OG D 5 -11.19 4.23 5.50
N3 8OG D 5 -10.00 2.37 6.62
C4 8OG D 5 -8.83 1.55 6.74
O8 8OG D 5 -6.65 -0.92 7.87
PG DTP E . 3.54 -2.72 -4.03
O1G DTP E . 4.54 -2.27 -3.02
O2G DTP E . 2.96 -1.57 -4.80
O3G DTP E . 4.12 -3.74 -5.00
PB DTP E . 2.24 -3.81 -1.79
O1B DTP E . 3.51 -4.43 -1.26
O2B DTP E . 1.05 -4.72 -1.55
O3B DTP E . 2.32 -3.45 -3.32
PA DTP E . 2.73 -1.53 -0.02
O1A DTP E . 4.19 -1.82 -0.11
O2A DTP E . 2.27 -0.15 -0.38
O3A DTP E . 1.88 -2.48 -1.00
O5' DTP E . 2.23 -1.85 1.45
C5' DTP E . 2.59 -3.09 2.03
C4' DTP E . 1.46 -3.67 2.85
O4' DTP E . 1.12 -2.89 3.82
C3' DTP E . 0.08 -3.90 1.98
O3' DTP E . 0.18 -5.11 1.10
C2' DTP E . -0.78 -4.02 2.87
C1' DTP E . -0.37 -2.95 3.95
N9 DTP E . -0.92 -1.79 3.64
C8 DTP E . -0.53 -0.83 2.75
N7 DTP E . -1.42 0.18 2.76
C5 DTP E . -2.37 -0.15 3.66
C6 DTP E . -3.50 0.54 4.06
N6 DTP E . -4.05 1.78 3.66
N1 DTP E . -4.32 0.00 4.99
C2 DTP E . -4.02 -1.22 5.55
N3 DTP E . -2.90 -1.89 5.15
C4 DTP E . -2.09 -1.34 4.21
NA NA F . 3.00 11.22 -2.57
NA NA G . 14.76 9.57 12.55
MG MG H . 5.20 -3.32 -1.18
#